data_1DA9
# 
_entry.id   1DA9 
# 
_audit_conform.dict_name       mmcif_pdbx.dic 
_audit_conform.dict_version    5.385 
_audit_conform.dict_location   http://mmcif.pdb.org/dictionaries/ascii/mmcif_pdbx.dic 
# 
loop_
_database_2.database_id 
_database_2.database_code 
_database_2.pdbx_database_accession 
_database_2.pdbx_DOI 
PDB   1DA9         pdb_00001da9 10.2210/pdb1da9/pdb 
RCSB  DDF040       ?            ?                   
WWPDB D_1000172701 ?            ?                   
# 
loop_
_pdbx_audit_revision_history.ordinal 
_pdbx_audit_revision_history.data_content_type 
_pdbx_audit_revision_history.major_revision 
_pdbx_audit_revision_history.minor_revision 
_pdbx_audit_revision_history.revision_date 
1 'Structure model' 1 0 1993-04-15 
2 'Structure model' 1 1 2008-05-22 
3 'Structure model' 1 2 2011-07-13 
4 'Structure model' 1 3 2024-02-07 
# 
_pdbx_audit_revision_details.ordinal             1 
_pdbx_audit_revision_details.revision_ordinal    1 
_pdbx_audit_revision_details.data_content_type   'Structure model' 
_pdbx_audit_revision_details.provider            repository 
_pdbx_audit_revision_details.type                'Initial release' 
_pdbx_audit_revision_details.description         ? 
_pdbx_audit_revision_details.details             ? 
# 
loop_
_pdbx_audit_revision_group.ordinal 
_pdbx_audit_revision_group.revision_ordinal 
_pdbx_audit_revision_group.data_content_type 
_pdbx_audit_revision_group.group 
1 2 'Structure model' 'Version format compliance' 
2 3 'Structure model' 'Version format compliance' 
3 4 'Structure model' 'Data collection'           
4 4 'Structure model' 'Database references'       
5 4 'Structure model' 'Derived calculations'      
# 
loop_
_pdbx_audit_revision_category.ordinal 
_pdbx_audit_revision_category.revision_ordinal 
_pdbx_audit_revision_category.data_content_type 
_pdbx_audit_revision_category.category 
1 4 'Structure model' chem_comp_atom 
2 4 'Structure model' chem_comp_bond 
3 4 'Structure model' database_2     
4 4 'Structure model' struct_site    
# 
loop_
_pdbx_audit_revision_item.ordinal 
_pdbx_audit_revision_item.revision_ordinal 
_pdbx_audit_revision_item.data_content_type 
_pdbx_audit_revision_item.item 
1 4 'Structure model' '_database_2.pdbx_DOI'                
2 4 'Structure model' '_database_2.pdbx_database_accession' 
3 4 'Structure model' '_struct_site.pdbx_auth_asym_id'      
4 4 'Structure model' '_struct_site.pdbx_auth_comp_id'      
5 4 'Structure model' '_struct_site.pdbx_auth_seq_id'       
# 
_pdbx_database_status.status_code                     REL 
_pdbx_database_status.entry_id                        1DA9 
_pdbx_database_status.recvd_initial_deposition_date   1993-01-21 
_pdbx_database_status.deposit_site                    BNL 
_pdbx_database_status.process_site                    NDB 
_pdbx_database_status.status_code_sf                  REL 
_pdbx_database_status.status_code_mr                  ? 
_pdbx_database_status.SG_entry                        ? 
_pdbx_database_status.pdb_format_compatible           Y 
_pdbx_database_status.status_code_cs                  ? 
_pdbx_database_status.status_code_nmr_data            ? 
_pdbx_database_status.methods_development_category    ? 
# 
loop_
_audit_author.name 
_audit_author.pdbx_ordinal 
'Leonard, G.A.'     1 
'Hambley, T.W.'     2 
'McAuley-Hecht, K.' 3 
'Brown, T.'         4 
'Hunter, W.N.'      5 
# 
_citation.id                        primary 
_citation.title                     
;Anthracycline-DNA interactions at unfavourable base-pair triplet-binding sites: structures of d(CGGCCG)/daunomycin and d(TGGCCA)/adriamycin complexes.
;
_citation.journal_abbrev            'Acta Crystallogr.,Sect.D' 
_citation.journal_volume            49 
_citation.page_first                458 
_citation.page_last                 467 
_citation.year                      1993 
_citation.journal_id_ASTM           ABCRE6 
_citation.country                   DK 
_citation.journal_id_ISSN           0907-4449 
_citation.journal_id_CSD            0766 
_citation.book_publisher            ? 
_citation.pdbx_database_id_PubMed   15299505 
_citation.pdbx_database_id_DOI      10.1107/S090744499300527X 
# 
loop_
_citation_author.citation_id 
_citation_author.name 
_citation_author.ordinal 
_citation_author.identifier_ORCID 
primary 'Leonard, G.A.'     1 ? 
primary 'Hambley, T.W.'     2 ? 
primary 'McAuley-Hecht, K.' 3 ? 
primary 'Brown, T.'         4 ? 
primary 'Hunter, W.N.'      5 ? 
# 
loop_
_entity.id 
_entity.type 
_entity.src_method 
_entity.pdbx_description 
_entity.formula_weight 
_entity.pdbx_number_of_molecules 
_entity.pdbx_ec 
_entity.pdbx_mutation 
_entity.pdbx_fragment 
_entity.details 
1 polymer     syn 
;DNA (5'-D(*TP*GP*GP*CP*CP*A)-3')
;
1809.218 1  ? ? ? ? 
2 non-polymer syn DOXORUBICIN                        543.519  1  ? ? ? ? 
3 water       nat water                              18.015   43 ? ? ? ? 
# 
_entity_poly.entity_id                      1 
_entity_poly.type                           polydeoxyribonucleotide 
_entity_poly.nstd_linkage                   no 
_entity_poly.nstd_monomer                   no 
_entity_poly.pdbx_seq_one_letter_code       '(DT)(DG)(DG)(DC)(DC)(DA)' 
_entity_poly.pdbx_seq_one_letter_code_can   TGGCCA 
_entity_poly.pdbx_strand_id                 A 
_entity_poly.pdbx_target_identifier         ? 
# 
loop_
_pdbx_entity_nonpoly.entity_id 
_pdbx_entity_nonpoly.name 
_pdbx_entity_nonpoly.comp_id 
2 DOXORUBICIN DM2 
3 water       HOH 
# 
loop_
_entity_poly_seq.entity_id 
_entity_poly_seq.num 
_entity_poly_seq.mon_id 
_entity_poly_seq.hetero 
1 1 DT n 
1 2 DG n 
1 3 DG n 
1 4 DC n 
1 5 DC n 
1 6 DA n 
# 
loop_
_chem_comp.id 
_chem_comp.type 
_chem_comp.mon_nstd_flag 
_chem_comp.name 
_chem_comp.pdbx_synonyms 
_chem_comp.formula 
_chem_comp.formula_weight 
DA  'DNA linking' y "2'-DEOXYADENOSINE-5'-MONOPHOSPHATE" ?          'C10 H14 N5 O6 P' 331.222 
DC  'DNA linking' y "2'-DEOXYCYTIDINE-5'-MONOPHOSPHATE"  ?          'C9 H14 N3 O7 P'  307.197 
DG  'DNA linking' y "2'-DEOXYGUANOSINE-5'-MONOPHOSPHATE" ?          'C10 H14 N5 O7 P' 347.221 
DM2 non-polymer   . DOXORUBICIN                          ADRIAMYCIN 'C27 H29 N O11'   543.519 
DT  'DNA linking' y "THYMIDINE-5'-MONOPHOSPHATE"         ?          'C10 H15 N2 O8 P' 322.208 
HOH non-polymer   . WATER                                ?          'H2 O'            18.015  
# 
loop_
_pdbx_poly_seq_scheme.asym_id 
_pdbx_poly_seq_scheme.entity_id 
_pdbx_poly_seq_scheme.seq_id 
_pdbx_poly_seq_scheme.mon_id 
_pdbx_poly_seq_scheme.ndb_seq_num 
_pdbx_poly_seq_scheme.pdb_seq_num 
_pdbx_poly_seq_scheme.auth_seq_num 
_pdbx_poly_seq_scheme.pdb_mon_id 
_pdbx_poly_seq_scheme.auth_mon_id 
_pdbx_poly_seq_scheme.pdb_strand_id 
_pdbx_poly_seq_scheme.pdb_ins_code 
_pdbx_poly_seq_scheme.hetero 
A 1 1 DT 1 1 1 DT T A . n 
A 1 2 DG 2 2 2 DG G A . n 
A 1 3 DG 3 3 3 DG G A . n 
A 1 4 DC 4 4 4 DC C A . n 
A 1 5 DC 5 5 5 DC C A . n 
A 1 6 DA 6 6 6 DA A A . n 
# 
loop_
_pdbx_nonpoly_scheme.asym_id 
_pdbx_nonpoly_scheme.entity_id 
_pdbx_nonpoly_scheme.mon_id 
_pdbx_nonpoly_scheme.ndb_seq_num 
_pdbx_nonpoly_scheme.pdb_seq_num 
_pdbx_nonpoly_scheme.auth_seq_num 
_pdbx_nonpoly_scheme.pdb_mon_id 
_pdbx_nonpoly_scheme.auth_mon_id 
_pdbx_nonpoly_scheme.pdb_strand_id 
_pdbx_nonpoly_scheme.pdb_ins_code 
B 2 DM2 1  7  7  DM2 DM2 A . 
C 3 HOH 1  8  8  HOH HOH A . 
C 3 HOH 2  9  9  HOH HOH A . 
C 3 HOH 3  10 10 HOH HOH A . 
C 3 HOH 4  11 11 HOH HOH A . 
C 3 HOH 5  12 12 HOH HOH A . 
C 3 HOH 6  13 13 HOH HOH A . 
C 3 HOH 7  14 14 HOH HOH A . 
C 3 HOH 8  15 15 HOH HOH A . 
C 3 HOH 9  16 16 HOH HOH A . 
C 3 HOH 10 17 17 HOH HOH A . 
C 3 HOH 11 18 18 HOH HOH A . 
C 3 HOH 12 19 19 HOH HOH A . 
C 3 HOH 13 20 20 HOH HOH A . 
C 3 HOH 14 21 21 HOH HOH A . 
C 3 HOH 15 22 22 HOH HOH A . 
C 3 HOH 16 23 23 HOH HOH A . 
C 3 HOH 17 24 24 HOH HOH A . 
C 3 HOH 18 25 25 HOH HOH A . 
C 3 HOH 19 26 26 HOH HOH A . 
C 3 HOH 20 27 27 HOH HOH A . 
C 3 HOH 21 28 28 HOH HOH A . 
C 3 HOH 22 29 29 HOH HOH A . 
C 3 HOH 23 30 30 HOH HOH A . 
C 3 HOH 24 31 31 HOH HOH A . 
C 3 HOH 25 32 32 HOH HOH A . 
C 3 HOH 26 33 33 HOH HOH A . 
C 3 HOH 27 34 34 HOH HOH A . 
C 3 HOH 28 35 35 HOH HOH A . 
C 3 HOH 29 36 36 HOH HOH A . 
C 3 HOH 30 37 37 HOH HOH A . 
C 3 HOH 31 38 38 HOH HOH A . 
C 3 HOH 32 39 39 HOH HOH A . 
C 3 HOH 33 40 40 HOH HOH A . 
C 3 HOH 34 41 41 HOH HOH A . 
C 3 HOH 35 42 42 HOH HOH A . 
C 3 HOH 36 43 43 HOH HOH A . 
C 3 HOH 37 44 44 HOH HOH A . 
C 3 HOH 38 45 45 HOH HOH A . 
C 3 HOH 39 46 46 HOH HOH A . 
C 3 HOH 40 47 47 HOH HOH A . 
C 3 HOH 41 48 48 HOH HOH A . 
C 3 HOH 42 49 49 HOH HOH A . 
C 3 HOH 43 50 50 HOH HOH A . 
# 
_software.name             NUCLSQ 
_software.classification   refinement 
_software.version          . 
_software.citation_id      ? 
_software.pdbx_ordinal     1 
# 
_cell.entry_id           1DA9 
_cell.length_a           28.010 
_cell.length_b           28.010 
_cell.length_c           52.990 
_cell.angle_alpha        90.00 
_cell.angle_beta         90.00 
_cell.angle_gamma        90.00 
_cell.Z_PDB              8 
_cell.pdbx_unique_axis   ? 
# 
_symmetry.entry_id                         1DA9 
_symmetry.space_group_name_H-M             'P 41 21 2' 
_symmetry.pdbx_full_space_group_name_H-M   ? 
_symmetry.cell_setting                     ? 
_symmetry.Int_Tables_number                92 
# 
_exptl.entry_id          1DA9 
_exptl.method            'X-RAY DIFFRACTION' 
_exptl.crystals_number   ? 
# 
_exptl_crystal.id                    1 
_exptl_crystal.density_meas          ? 
_exptl_crystal.density_Matthews      2.87 
_exptl_crystal.density_percent_sol   57.18 
_exptl_crystal.description           ? 
# 
_exptl_crystal_grow.crystal_id      1 
_exptl_crystal_grow.method          'VAPOR DIFFUSION, SITTING DROP' 
_exptl_crystal_grow.temp            277.00 
_exptl_crystal_grow.temp_details    ? 
_exptl_crystal_grow.pH              6.60 
_exptl_crystal_grow.pdbx_details    'pH 6.60, VAPOR DIFFUSION, SITTING DROP, temperature 277.00K' 
_exptl_crystal_grow.pdbx_pH_range   ? 
# 
loop_
_exptl_crystal_grow_comp.crystal_id 
_exptl_crystal_grow_comp.id 
_exptl_crystal_grow_comp.sol_id 
_exptl_crystal_grow_comp.name 
_exptl_crystal_grow_comp.volume 
_exptl_crystal_grow_comp.conc 
_exptl_crystal_grow_comp.details 
1 1 1 WATER        ? ? ? 
1 2 1 MPD          ? ? ? 
1 3 1 MGCL2        ? ? ? 
1 4 1 SPERMINE_HCL ? ? ? 
1 5 2 WATER        ? ? ? 
1 6 2 MPD          ? ? ? 
# 
_diffrn.id                     1 
_diffrn.ambient_temp           ? 
_diffrn.ambient_temp_details   'ROOM TEMPERATURE' 
_diffrn.crystal_id             1 
# 
_diffrn_detector.diffrn_id              1 
_diffrn_detector.detector               DIFFRACTOMETER 
_diffrn_detector.type                   'RIGAKU AFC-5R' 
_diffrn_detector.pdbx_collection_date   ? 
_diffrn_detector.details                ? 
# 
_diffrn_radiation.diffrn_id                        1 
_diffrn_radiation.wavelength_id                    1 
_diffrn_radiation.pdbx_monochromatic_or_laue_m_l   ? 
_diffrn_radiation.monochromator                    ? 
_diffrn_radiation.pdbx_diffrn_protocol             ? 
_diffrn_radiation.pdbx_scattering_type             x-ray 
# 
_diffrn_radiation_wavelength.id           1 
_diffrn_radiation_wavelength.wavelength   . 
_diffrn_radiation_wavelength.wt           1.0 
# 
_diffrn_source.diffrn_id                   1 
_diffrn_source.source                      'ROTATING ANODE' 
_diffrn_source.type                        'RIGAKU RU200' 
_diffrn_source.pdbx_synchrotron_site       ? 
_diffrn_source.pdbx_synchrotron_beamline   ? 
_diffrn_source.pdbx_wavelength             ? 
_diffrn_source.pdbx_wavelength_list        ? 
# 
_reflns.entry_id                     1DA9 
_reflns.observed_criterion_sigma_I   ? 
_reflns.observed_criterion_sigma_F   2.000 
_reflns.d_resolution_low             ? 
_reflns.d_resolution_high            1.700 
_reflns.number_obs                   1475 
_reflns.number_all                   2433 
_reflns.percent_possible_obs         ? 
_reflns.pdbx_Rmerge_I_obs            0.0700000 
_reflns.pdbx_Rsym_value              ? 
_reflns.pdbx_netI_over_sigmaI        ? 
_reflns.B_iso_Wilson_estimate        ? 
_reflns.pdbx_redundancy              ? 
_reflns.pdbx_diffrn_id               1 
_reflns.pdbx_ordinal                 1 
# 
_refine.entry_id                                 1DA9 
_refine.ls_number_reflns_obs                     1475 
_refine.ls_number_reflns_all                     ? 
_refine.pdbx_ls_sigma_I                          ? 
_refine.pdbx_ls_sigma_F                          2.000 
_refine.pdbx_data_cutoff_high_absF               ? 
_refine.pdbx_data_cutoff_low_absF                ? 
_refine.pdbx_data_cutoff_high_rms_absF           ? 
_refine.ls_d_res_low                             7.000 
_refine.ls_d_res_high                            1.700 
_refine.ls_percent_reflns_obs                    ? 
_refine.ls_R_factor_obs                          0.2160000 
_refine.ls_R_factor_all                          ? 
_refine.ls_R_factor_R_work                       ? 
_refine.ls_R_factor_R_free                       ? 
_refine.ls_R_factor_R_free_error                 ? 
_refine.ls_R_factor_R_free_error_details         ? 
_refine.ls_percent_reflns_R_free                 ? 
_refine.ls_number_reflns_R_free                  ? 
_refine.ls_number_parameters                     ? 
_refine.ls_number_restraints                     ? 
_refine.occupancy_min                            ? 
_refine.occupancy_max                            ? 
_refine.B_iso_mean                               ? 
_refine.aniso_B[1][1]                            ? 
_refine.aniso_B[2][2]                            ? 
_refine.aniso_B[3][3]                            ? 
_refine.aniso_B[1][2]                            ? 
_refine.aniso_B[1][3]                            ? 
_refine.aniso_B[2][3]                            ? 
_refine.solvent_model_details                    ? 
_refine.solvent_model_param_ksol                 ? 
_refine.solvent_model_param_bsol                 ? 
_refine.pdbx_ls_cross_valid_method               ? 
_refine.details                                  ? 
_refine.pdbx_starting_model                      ? 
_refine.pdbx_method_to_determine_struct          ? 
_refine.pdbx_isotropic_thermal_model             ? 
_refine.pdbx_stereochemistry_target_values       ? 
_refine.pdbx_stereochem_target_val_spec_case     ? 
_refine.pdbx_R_Free_selection_details            ? 
_refine.pdbx_overall_ESU_R                       ? 
_refine.pdbx_overall_ESU_R_Free                  ? 
_refine.overall_SU_ML                            ? 
_refine.overall_SU_B                             ? 
_refine.pdbx_refine_id                           'X-RAY DIFFRACTION' 
_refine.pdbx_diffrn_id                           1 
_refine.pdbx_TLS_residual_ADP_flag               ? 
_refine.correlation_coeff_Fo_to_Fc               ? 
_refine.correlation_coeff_Fo_to_Fc_free          ? 
_refine.pdbx_solvent_vdw_probe_radii             ? 
_refine.pdbx_solvent_ion_probe_radii             ? 
_refine.pdbx_solvent_shrinkage_radii             ? 
_refine.pdbx_overall_phase_error                 ? 
_refine.overall_SU_R_Cruickshank_DPI             ? 
_refine.pdbx_overall_SU_R_free_Cruickshank_DPI   ? 
_refine.pdbx_overall_SU_R_Blow_DPI               ? 
_refine.pdbx_overall_SU_R_free_Blow_DPI          ? 
# 
_refine_hist.pdbx_refine_id                   'X-RAY DIFFRACTION' 
_refine_hist.cycle_id                         LAST 
_refine_hist.pdbx_number_atoms_protein        0 
_refine_hist.pdbx_number_atoms_nucleic_acid   120 
_refine_hist.pdbx_number_atoms_ligand         39 
_refine_hist.number_atoms_solvent             43 
_refine_hist.number_atoms_total               202 
_refine_hist.d_res_high                       1.700 
_refine_hist.d_res_low                        7.000 
# 
_struct.entry_id                  1DA9 
_struct.title                     
;ANTHRACYCLINE-DNA INTERACTIONS AT UNFAVOURABLE BASE BASE-PAIR TRIPLET-BINDING SITES: STRUCTURES OF D(CGGCCG)/DAUNOMYCIN AND D(TGGCCA)/ADRIAMYCIN COMPL
;
_struct.pdbx_model_details        ? 
_struct.pdbx_CASP_flag            ? 
_struct.pdbx_model_type_details   ? 
# 
_struct_keywords.entry_id        1DA9 
_struct_keywords.pdbx_keywords   DNA 
_struct_keywords.text            'RIGHT HANDED DNA, DOUBLE HELIX, COMPLEXED WITH DRUG, DNA' 
# 
loop_
_struct_asym.id 
_struct_asym.pdbx_blank_PDB_chainid_flag 
_struct_asym.pdbx_modified 
_struct_asym.entity_id 
_struct_asym.details 
A N N 1 ? 
B N N 2 ? 
C N N 3 ? 
# 
_struct_ref.id                         1 
_struct_ref.entity_id                  1 
_struct_ref.db_name                    PDB 
_struct_ref.db_code                    1DA9 
_struct_ref.pdbx_db_accession          1DA9 
_struct_ref.pdbx_db_isoform            ? 
_struct_ref.pdbx_seq_one_letter_code   ? 
_struct_ref.pdbx_align_begin           ? 
# 
_struct_ref_seq.align_id                      1 
_struct_ref_seq.ref_id                        1 
_struct_ref_seq.pdbx_PDB_id_code              1DA9 
_struct_ref_seq.pdbx_strand_id                A 
_struct_ref_seq.seq_align_beg                 1 
_struct_ref_seq.pdbx_seq_align_beg_ins_code   ? 
_struct_ref_seq.seq_align_end                 6 
_struct_ref_seq.pdbx_seq_align_end_ins_code   ? 
_struct_ref_seq.pdbx_db_accession             1DA9 
_struct_ref_seq.db_align_beg                  1 
_struct_ref_seq.pdbx_db_align_beg_ins_code    ? 
_struct_ref_seq.db_align_end                  6 
_struct_ref_seq.pdbx_db_align_end_ins_code    ? 
_struct_ref_seq.pdbx_auth_seq_align_beg       1 
_struct_ref_seq.pdbx_auth_seq_align_end       6 
# 
_pdbx_struct_assembly.id                   1 
_pdbx_struct_assembly.details              author_defined_assembly 
_pdbx_struct_assembly.method_details       ? 
_pdbx_struct_assembly.oligomeric_details   dimeric 
_pdbx_struct_assembly.oligomeric_count     2 
# 
_pdbx_struct_assembly_gen.assembly_id       1 
_pdbx_struct_assembly_gen.oper_expression   1,2 
_pdbx_struct_assembly_gen.asym_id_list      A,B,C 
# 
loop_
_pdbx_struct_oper_list.id 
_pdbx_struct_oper_list.type 
_pdbx_struct_oper_list.name 
_pdbx_struct_oper_list.symmetry_operation 
_pdbx_struct_oper_list.matrix[1][1] 
_pdbx_struct_oper_list.matrix[1][2] 
_pdbx_struct_oper_list.matrix[1][3] 
_pdbx_struct_oper_list.vector[1] 
_pdbx_struct_oper_list.matrix[2][1] 
_pdbx_struct_oper_list.matrix[2][2] 
_pdbx_struct_oper_list.matrix[2][3] 
_pdbx_struct_oper_list.vector[2] 
_pdbx_struct_oper_list.matrix[3][1] 
_pdbx_struct_oper_list.matrix[3][2] 
_pdbx_struct_oper_list.matrix[3][3] 
_pdbx_struct_oper_list.vector[3] 
1 'identity operation'         1_555 x,y,z        1.0000000000 0.0000000000  0.0000000000  0.0000000000 0.0000000000  1.0000000000  0.0000000000 0.0000000000 0.0000000000  0.0000000000 1.0000000000  0.0000000000 
2 'crystal symmetry operation' 8_555 -y,-x,-z+1/2 0.6605261010 -0.2619932719 -0.7036084105 0.9360167587 -0.2619932719 -0.9586634173 0.1110134128 5.0090853875 -0.7036084105 0.1110134128 -0.7018626837 0.3438469260 
# 
_struct_biol.id   1 
# 
loop_
_struct_conn.id 
_struct_conn.conn_type_id 
_struct_conn.pdbx_leaving_atom_flag 
_struct_conn.pdbx_PDB_id 
_struct_conn.ptnr1_label_asym_id 
_struct_conn.ptnr1_label_comp_id 
_struct_conn.ptnr1_label_seq_id 
_struct_conn.ptnr1_label_atom_id 
_struct_conn.pdbx_ptnr1_label_alt_id 
_struct_conn.pdbx_ptnr1_PDB_ins_code 
_struct_conn.pdbx_ptnr1_standard_comp_id 
_struct_conn.ptnr1_symmetry 
_struct_conn.ptnr2_label_asym_id 
_struct_conn.ptnr2_label_comp_id 
_struct_conn.ptnr2_label_seq_id 
_struct_conn.ptnr2_label_atom_id 
_struct_conn.pdbx_ptnr2_label_alt_id 
_struct_conn.pdbx_ptnr2_PDB_ins_code 
_struct_conn.ptnr1_auth_asym_id 
_struct_conn.ptnr1_auth_comp_id 
_struct_conn.ptnr1_auth_seq_id 
_struct_conn.ptnr2_auth_asym_id 
_struct_conn.ptnr2_auth_comp_id 
_struct_conn.ptnr2_auth_seq_id 
_struct_conn.ptnr2_symmetry 
_struct_conn.pdbx_ptnr3_label_atom_id 
_struct_conn.pdbx_ptnr3_label_seq_id 
_struct_conn.pdbx_ptnr3_label_comp_id 
_struct_conn.pdbx_ptnr3_label_asym_id 
_struct_conn.pdbx_ptnr3_label_alt_id 
_struct_conn.pdbx_ptnr3_PDB_ins_code 
_struct_conn.details 
_struct_conn.pdbx_dist_value 
_struct_conn.pdbx_value_order 
_struct_conn.pdbx_role 
hydrog1  hydrog ? ? A DT 1 N3 ? ? ? 1_555 A DA 6 N1 ? ? A DT 1 A DA 6 8_555 ? ? ? ? ? ? WATSON-CRICK ? ? ? 
hydrog2  hydrog ? ? A DT 1 O4 ? ? ? 1_555 A DA 6 N6 ? ? A DT 1 A DA 6 8_555 ? ? ? ? ? ? WATSON-CRICK ? ? ? 
hydrog3  hydrog ? ? A DG 2 N1 ? ? ? 1_555 A DC 5 N3 ? ? A DG 2 A DC 5 8_555 ? ? ? ? ? ? WATSON-CRICK ? ? ? 
hydrog4  hydrog ? ? A DG 2 N2 ? ? ? 1_555 A DC 5 O2 ? ? A DG 2 A DC 5 8_555 ? ? ? ? ? ? WATSON-CRICK ? ? ? 
hydrog5  hydrog ? ? A DG 2 O6 ? ? ? 1_555 A DC 5 N4 ? ? A DG 2 A DC 5 8_555 ? ? ? ? ? ? WATSON-CRICK ? ? ? 
hydrog6  hydrog ? ? A DG 3 N1 ? ? ? 1_555 A DC 4 N3 ? ? A DG 3 A DC 4 8_555 ? ? ? ? ? ? WATSON-CRICK ? ? ? 
hydrog7  hydrog ? ? A DG 3 N2 ? ? ? 1_555 A DC 4 O2 ? ? A DG 3 A DC 4 8_555 ? ? ? ? ? ? WATSON-CRICK ? ? ? 
hydrog8  hydrog ? ? A DG 3 O6 ? ? ? 1_555 A DC 4 N4 ? ? A DG 3 A DC 4 8_555 ? ? ? ? ? ? WATSON-CRICK ? ? ? 
hydrog9  hydrog ? ? A DC 4 N3 ? ? ? 1_555 A DG 3 N1 ? ? A DC 4 A DG 3 8_555 ? ? ? ? ? ? WATSON-CRICK ? ? ? 
hydrog10 hydrog ? ? A DC 4 N4 ? ? ? 1_555 A DG 3 O6 ? ? A DC 4 A DG 3 8_555 ? ? ? ? ? ? WATSON-CRICK ? ? ? 
hydrog11 hydrog ? ? A DC 4 O2 ? ? ? 1_555 A DG 3 N2 ? ? A DC 4 A DG 3 8_555 ? ? ? ? ? ? WATSON-CRICK ? ? ? 
hydrog12 hydrog ? ? A DC 5 N3 ? ? ? 1_555 A DG 2 N1 ? ? A DC 5 A DG 2 8_555 ? ? ? ? ? ? WATSON-CRICK ? ? ? 
hydrog13 hydrog ? ? A DC 5 N4 ? ? ? 1_555 A DG 2 O6 ? ? A DC 5 A DG 2 8_555 ? ? ? ? ? ? WATSON-CRICK ? ? ? 
hydrog14 hydrog ? ? A DC 5 O2 ? ? ? 1_555 A DG 2 N2 ? ? A DC 5 A DG 2 8_555 ? ? ? ? ? ? WATSON-CRICK ? ? ? 
hydrog15 hydrog ? ? A DA 6 N1 ? ? ? 1_555 A DT 1 N3 ? ? A DA 6 A DT 1 8_555 ? ? ? ? ? ? WATSON-CRICK ? ? ? 
hydrog16 hydrog ? ? A DA 6 N6 ? ? ? 1_555 A DT 1 O4 ? ? A DA 6 A DT 1 8_555 ? ? ? ? ? ? WATSON-CRICK ? ? ? 
# 
_struct_conn_type.id          hydrog 
_struct_conn_type.criteria    ? 
_struct_conn_type.reference   ? 
# 
loop_
_struct_site.id 
_struct_site.pdbx_evidence_code 
_struct_site.pdbx_auth_asym_id 
_struct_site.pdbx_auth_comp_id 
_struct_site.pdbx_auth_seq_id 
_struct_site.pdbx_auth_ins_code 
_struct_site.pdbx_num_residues 
_struct_site.details 
AC1 Software A DM2 7 ? 10 'BINDING SITE FOR RESIDUE DM2 A 7' 
1   ?        ? ?   ? ? ?  ?                                  
# 
loop_
_struct_site_gen.id 
_struct_site_gen.site_id 
_struct_site_gen.pdbx_num_res 
_struct_site_gen.label_comp_id 
_struct_site_gen.label_asym_id 
_struct_site_gen.label_seq_id 
_struct_site_gen.pdbx_auth_ins_code 
_struct_site_gen.auth_comp_id 
_struct_site_gen.auth_asym_id 
_struct_site_gen.auth_seq_id 
_struct_site_gen.label_atom_id 
_struct_site_gen.label_alt_id 
_struct_site_gen.symmetry 
_struct_site_gen.details 
1  AC1 10 DT  A 1 ? DT  A 1  . ? 8_555 ? 
2  AC1 10 DG  A 2 ? DG  A 2  . ? 8_555 ? 
3  AC1 10 DG  A 3 ? DG  A 3  . ? 8_555 ? 
4  AC1 10 DC  A 5 ? DC  A 5  . ? 1_555 ? 
5  AC1 10 DA  A 6 ? DA  A 6  . ? 1_555 ? 
6  AC1 10 HOH C . ? HOH A 20 . ? 1_555 ? 
7  AC1 10 HOH C . ? HOH A 23 . ? 1_555 ? 
8  AC1 10 HOH C . ? HOH A 28 . ? 1_555 ? 
9  AC1 10 HOH C . ? HOH A 30 . ? 1_555 ? 
10 AC1 10 HOH C . ? HOH A 31 . ? 1_555 ? 
# 
loop_
_pdbx_validate_close_contact.id 
_pdbx_validate_close_contact.PDB_model_num 
_pdbx_validate_close_contact.auth_atom_id_1 
_pdbx_validate_close_contact.auth_asym_id_1 
_pdbx_validate_close_contact.auth_comp_id_1 
_pdbx_validate_close_contact.auth_seq_id_1 
_pdbx_validate_close_contact.PDB_ins_code_1 
_pdbx_validate_close_contact.label_alt_id_1 
_pdbx_validate_close_contact.auth_atom_id_2 
_pdbx_validate_close_contact.auth_asym_id_2 
_pdbx_validate_close_contact.auth_comp_id_2 
_pdbx_validate_close_contact.auth_seq_id_2 
_pdbx_validate_close_contact.PDB_ins_code_2 
_pdbx_validate_close_contact.label_alt_id_2 
_pdbx_validate_close_contact.dist 
1 1 O A HOH 41 ? ? O A HOH 50 ? ? 2.04 
2 1 O A HOH 39 ? ? O A HOH 42 ? ? 2.18 
# 
_pdbx_validate_symm_contact.id                1 
_pdbx_validate_symm_contact.PDB_model_num     1 
_pdbx_validate_symm_contact.auth_atom_id_1    O 
_pdbx_validate_symm_contact.auth_asym_id_1    A 
_pdbx_validate_symm_contact.auth_comp_id_1    HOH 
_pdbx_validate_symm_contact.auth_seq_id_1     18 
_pdbx_validate_symm_contact.PDB_ins_code_1    ? 
_pdbx_validate_symm_contact.label_alt_id_1    ? 
_pdbx_validate_symm_contact.site_symmetry_1   1_555 
_pdbx_validate_symm_contact.auth_atom_id_2    O 
_pdbx_validate_symm_contact.auth_asym_id_2    A 
_pdbx_validate_symm_contact.auth_comp_id_2    HOH 
_pdbx_validate_symm_contact.auth_seq_id_2     38 
_pdbx_validate_symm_contact.PDB_ins_code_2    ? 
_pdbx_validate_symm_contact.label_alt_id_2    ? 
_pdbx_validate_symm_contact.site_symmetry_2   4_444 
_pdbx_validate_symm_contact.dist              2.09 
# 
loop_
_pdbx_validate_rmsd_bond.id 
_pdbx_validate_rmsd_bond.PDB_model_num 
_pdbx_validate_rmsd_bond.auth_atom_id_1 
_pdbx_validate_rmsd_bond.auth_asym_id_1 
_pdbx_validate_rmsd_bond.auth_comp_id_1 
_pdbx_validate_rmsd_bond.auth_seq_id_1 
_pdbx_validate_rmsd_bond.PDB_ins_code_1 
_pdbx_validate_rmsd_bond.label_alt_id_1 
_pdbx_validate_rmsd_bond.auth_atom_id_2 
_pdbx_validate_rmsd_bond.auth_asym_id_2 
_pdbx_validate_rmsd_bond.auth_comp_id_2 
_pdbx_validate_rmsd_bond.auth_seq_id_2 
_pdbx_validate_rmsd_bond.PDB_ins_code_2 
_pdbx_validate_rmsd_bond.label_alt_id_2 
_pdbx_validate_rmsd_bond.bond_value 
_pdbx_validate_rmsd_bond.bond_target_value 
_pdbx_validate_rmsd_bond.bond_deviation 
_pdbx_validate_rmsd_bond.bond_standard_deviation 
_pdbx_validate_rmsd_bond.linker_flag 
1 1 "O4'" A DT 1 ? ? "C4'" A DT 1 ? ? 1.371 1.446 -0.075 0.010 N 
2 1 N3    A DT 1 ? ? C4    A DT 1 ? ? 1.330 1.382 -0.052 0.008 N 
3 1 N1    A DC 4 ? ? C6    A DC 4 ? ? 1.308 1.367 -0.059 0.006 N 
4 1 C2    A DC 4 ? ? N3    A DC 4 ? ? 1.403 1.353 0.050  0.008 N 
# 
loop_
_pdbx_validate_rmsd_angle.id 
_pdbx_validate_rmsd_angle.PDB_model_num 
_pdbx_validate_rmsd_angle.auth_atom_id_1 
_pdbx_validate_rmsd_angle.auth_asym_id_1 
_pdbx_validate_rmsd_angle.auth_comp_id_1 
_pdbx_validate_rmsd_angle.auth_seq_id_1 
_pdbx_validate_rmsd_angle.PDB_ins_code_1 
_pdbx_validate_rmsd_angle.label_alt_id_1 
_pdbx_validate_rmsd_angle.auth_atom_id_2 
_pdbx_validate_rmsd_angle.auth_asym_id_2 
_pdbx_validate_rmsd_angle.auth_comp_id_2 
_pdbx_validate_rmsd_angle.auth_seq_id_2 
_pdbx_validate_rmsd_angle.PDB_ins_code_2 
_pdbx_validate_rmsd_angle.label_alt_id_2 
_pdbx_validate_rmsd_angle.auth_atom_id_3 
_pdbx_validate_rmsd_angle.auth_asym_id_3 
_pdbx_validate_rmsd_angle.auth_comp_id_3 
_pdbx_validate_rmsd_angle.auth_seq_id_3 
_pdbx_validate_rmsd_angle.PDB_ins_code_3 
_pdbx_validate_rmsd_angle.label_alt_id_3 
_pdbx_validate_rmsd_angle.angle_value 
_pdbx_validate_rmsd_angle.angle_target_value 
_pdbx_validate_rmsd_angle.angle_deviation 
_pdbx_validate_rmsd_angle.angle_standard_deviation 
_pdbx_validate_rmsd_angle.linker_flag 
1  1 "C5'" A DT 1 ? ? "C4'" A DT 1 ? ? "O4'" A DT 1 ? ? 118.16 109.80 8.36  1.10 N 
2  1 "C1'" A DT 1 ? ? "O4'" A DT 1 ? ? "C4'" A DT 1 ? ? 114.82 110.30 4.52  0.70 N 
3  1 "O4'" A DT 1 ? ? "C1'" A DT 1 ? ? "C2'" A DT 1 ? ? 97.41  105.90 -8.49 0.80 N 
4  1 "O4'" A DT 1 ? ? "C1'" A DT 1 ? ? N1    A DT 1 ? ? 102.94 108.00 -5.06 0.70 N 
5  1 N3    A DT 1 ? ? C4    A DT 1 ? ? C5    A DT 1 ? ? 119.11 115.20 3.91  0.60 N 
6  1 C5    A DT 1 ? ? C6    A DT 1 ? ? N1    A DT 1 ? ? 119.98 123.70 -3.72 0.60 N 
7  1 C5    A DT 1 ? ? C4    A DT 1 ? ? O4    A DT 1 ? ? 119.16 124.90 -5.74 0.70 N 
8  1 "C1'" A DG 2 ? ? "O4'" A DG 2 ? ? "C4'" A DG 2 ? ? 103.20 110.10 -6.90 1.00 N 
9  1 "C3'" A DG 2 ? ? "C2'" A DG 2 ? ? "C1'" A DG 2 ? ? 97.41  102.40 -4.99 0.80 N 
10 1 N1    A DG 2 ? ? C6    A DG 2 ? ? O6    A DG 2 ? ? 113.16 119.90 -6.74 0.60 N 
11 1 C5    A DG 2 ? ? C6    A DG 2 ? ? O6    A DG 2 ? ? 133.61 128.60 5.01  0.60 N 
12 1 "O5'" A DG 3 ? ? "C5'" A DG 3 ? ? "C4'" A DG 3 ? ? 102.68 109.40 -6.72 0.80 N 
13 1 C6    A DG 3 ? ? N1    A DG 3 ? ? C2    A DG 3 ? ? 120.57 125.10 -4.53 0.60 N 
14 1 N1    A DG 3 ? ? C2    A DG 3 ? ? N3    A DG 3 ? ? 131.35 123.90 7.45  0.60 N 
15 1 C2    A DG 3 ? ? N3    A DG 3 ? ? C4    A DG 3 ? ? 106.78 111.90 -5.12 0.50 N 
16 1 N3    A DG 3 ? ? C2    A DG 3 ? ? N2    A DG 3 ? ? 113.69 119.90 -6.21 0.70 N 
17 1 "O5'" A DC 4 ? ? "C5'" A DC 4 ? ? "C4'" A DC 4 ? ? 103.13 109.40 -6.27 0.80 N 
18 1 C2    A DC 4 ? ? N3    A DC 4 ? ? C4    A DC 4 ? ? 116.13 119.90 -3.77 0.50 N 
19 1 N3    A DC 4 ? ? C4    A DC 4 ? ? N4    A DC 4 ? ? 125.35 118.00 7.35  0.70 N 
20 1 C5    A DC 4 ? ? C4    A DC 4 ? ? N4    A DC 4 ? ? 114.32 120.20 -5.88 0.70 N 
21 1 "C3'" A DC 4 ? ? "O3'" A DC 4 ? ? P     A DC 5 ? ? 131.66 119.70 11.96 1.20 Y 
22 1 P     A DC 5 ? ? "O5'" A DC 5 ? ? "C5'" A DC 5 ? ? 135.83 120.90 14.93 1.60 N 
23 1 "O4'" A DC 5 ? ? "C1'" A DC 5 ? ? N1    A DC 5 ? ? 128.26 108.30 19.96 0.30 N 
24 1 N1    A DC 5 ? ? C2    A DC 5 ? ? O2    A DC 5 ? ? 126.67 118.90 7.77  0.60 N 
25 1 N3    A DC 5 ? ? C2    A DC 5 ? ? O2    A DC 5 ? ? 115.01 121.90 -6.89 0.70 N 
26 1 "C5'" A DA 6 ? ? "C4'" A DA 6 ? ? "O4'" A DA 6 ? ? 116.96 109.80 7.16  1.10 N 
27 1 "O4'" A DA 6 ? ? "C1'" A DA 6 ? ? N9    A DA 6 ? ? 102.88 108.00 -5.12 0.70 N 
28 1 N1    A DA 6 ? ? C6    A DA 6 ? ? N6    A DA 6 ? ? 123.23 118.60 4.63  0.60 N 
# 
_struct_site_keywords.site_id   1 
_struct_site_keywords.text      INTERCALATION 
# 
loop_
_refine_B_iso.class 
_refine_B_iso.details 
_refine_B_iso.treatment 
_refine_B_iso.pdbx_refine_id 
'ALL ATOMS'  TR isotropic 'X-RAY DIFFRACTION' 
'ALL WATERS' TR isotropic 'X-RAY DIFFRACTION' 
# 
loop_
_refine_occupancy.class 
_refine_occupancy.treatment 
_refine_occupancy.pdbx_refine_id 
'ALL ATOMS'  fix 'X-RAY DIFFRACTION' 
'ALL WATERS' fix 'X-RAY DIFFRACTION' 
# 
loop_
_chem_comp_atom.comp_id 
_chem_comp_atom.atom_id 
_chem_comp_atom.type_symbol 
_chem_comp_atom.pdbx_aromatic_flag 
_chem_comp_atom.pdbx_stereo_config 
_chem_comp_atom.pdbx_ordinal 
DA  OP3    O N N 1   
DA  P      P N N 2   
DA  OP1    O N N 3   
DA  OP2    O N N 4   
DA  "O5'"  O N N 5   
DA  "C5'"  C N N 6   
DA  "C4'"  C N R 7   
DA  "O4'"  O N N 8   
DA  "C3'"  C N S 9   
DA  "O3'"  O N N 10  
DA  "C2'"  C N N 11  
DA  "C1'"  C N R 12  
DA  N9     N Y N 13  
DA  C8     C Y N 14  
DA  N7     N Y N 15  
DA  C5     C Y N 16  
DA  C6     C Y N 17  
DA  N6     N N N 18  
DA  N1     N Y N 19  
DA  C2     C Y N 20  
DA  N3     N Y N 21  
DA  C4     C Y N 22  
DA  HOP3   H N N 23  
DA  HOP2   H N N 24  
DA  "H5'"  H N N 25  
DA  "H5''" H N N 26  
DA  "H4'"  H N N 27  
DA  "H3'"  H N N 28  
DA  "HO3'" H N N 29  
DA  "H2'"  H N N 30  
DA  "H2''" H N N 31  
DA  "H1'"  H N N 32  
DA  H8     H N N 33  
DA  H61    H N N 34  
DA  H62    H N N 35  
DA  H2     H N N 36  
DC  OP3    O N N 37  
DC  P      P N N 38  
DC  OP1    O N N 39  
DC  OP2    O N N 40  
DC  "O5'"  O N N 41  
DC  "C5'"  C N N 42  
DC  "C4'"  C N R 43  
DC  "O4'"  O N N 44  
DC  "C3'"  C N S 45  
DC  "O3'"  O N N 46  
DC  "C2'"  C N N 47  
DC  "C1'"  C N R 48  
DC  N1     N N N 49  
DC  C2     C N N 50  
DC  O2     O N N 51  
DC  N3     N N N 52  
DC  C4     C N N 53  
DC  N4     N N N 54  
DC  C5     C N N 55  
DC  C6     C N N 56  
DC  HOP3   H N N 57  
DC  HOP2   H N N 58  
DC  "H5'"  H N N 59  
DC  "H5''" H N N 60  
DC  "H4'"  H N N 61  
DC  "H3'"  H N N 62  
DC  "HO3'" H N N 63  
DC  "H2'"  H N N 64  
DC  "H2''" H N N 65  
DC  "H1'"  H N N 66  
DC  H41    H N N 67  
DC  H42    H N N 68  
DC  H5     H N N 69  
DC  H6     H N N 70  
DG  OP3    O N N 71  
DG  P      P N N 72  
DG  OP1    O N N 73  
DG  OP2    O N N 74  
DG  "O5'"  O N N 75  
DG  "C5'"  C N N 76  
DG  "C4'"  C N R 77  
DG  "O4'"  O N N 78  
DG  "C3'"  C N S 79  
DG  "O3'"  O N N 80  
DG  "C2'"  C N N 81  
DG  "C1'"  C N R 82  
DG  N9     N Y N 83  
DG  C8     C Y N 84  
DG  N7     N Y N 85  
DG  C5     C Y N 86  
DG  C6     C N N 87  
DG  O6     O N N 88  
DG  N1     N N N 89  
DG  C2     C N N 90  
DG  N2     N N N 91  
DG  N3     N N N 92  
DG  C4     C Y N 93  
DG  HOP3   H N N 94  
DG  HOP2   H N N 95  
DG  "H5'"  H N N 96  
DG  "H5''" H N N 97  
DG  "H4'"  H N N 98  
DG  "H3'"  H N N 99  
DG  "HO3'" H N N 100 
DG  "H2'"  H N N 101 
DG  "H2''" H N N 102 
DG  "H1'"  H N N 103 
DG  H8     H N N 104 
DG  H1     H N N 105 
DG  H21    H N N 106 
DG  H22    H N N 107 
DM2 C1     C Y N 108 
DM2 C2     C Y N 109 
DM2 C3     C Y N 110 
DM2 C4     C Y N 111 
DM2 O4     O N N 112 
DM2 C5     C Y N 113 
DM2 C6     C N N 114 
DM2 O6     O N N 115 
DM2 C7     C Y N 116 
DM2 C8     C Y N 117 
DM2 O8     O N N 118 
DM2 C9     C Y N 119 
DM2 C10    C N S 120 
DM2 O10    O N N 121 
DM2 C11    C N N 122 
DM2 C12    C N S 123 
DM2 O12    O N N 124 
DM2 C13    C N N 125 
DM2 O13    O N N 126 
DM2 C14    C N N 127 
DM2 O14    O N N 128 
DM2 C15    C N N 129 
DM2 C16    C Y N 130 
DM2 C17    C Y N 131 
DM2 O17    O N N 132 
DM2 C18    C Y N 133 
DM2 C19    C N N 134 
DM2 O19    O N N 135 
DM2 C20    C Y N 136 
DM2 C21    C N N 137 
DM2 "C1'"  C N R 138 
DM2 "C2'"  C N N 139 
DM2 "C3'"  C N S 140 
DM2 "N3'"  N N N 141 
DM2 "C4'"  C N S 142 
DM2 "O4'"  O N N 143 
DM2 "C5'"  C N S 144 
DM2 "O5'"  O N N 145 
DM2 "C6'"  C N N 146 
DM2 H1     H N N 147 
DM2 H2     H N N 148 
DM2 H3     H N N 149 
DM2 HO8    H N N 150 
DM2 H10    H N N 151 
DM2 H111   H N N 152 
DM2 H112   H N N 153 
DM2 HO12   H N N 154 
DM2 H141   H N N 155 
DM2 H142   H N N 156 
DM2 HO14   H N N 157 
DM2 H151   H N N 158 
DM2 H152   H N N 159 
DM2 HO17   H N N 160 
DM2 H211   H N N 161 
DM2 H212   H N N 162 
DM2 H213   H N N 163 
DM2 "H1'"  H N N 164 
DM2 "H2'1" H N N 165 
DM2 "H2'2" H N N 166 
DM2 "H3'"  H N N 167 
DM2 "HN'1" H N N 168 
DM2 "HN'2" H N N 169 
DM2 "H4'"  H N N 170 
DM2 "HO4'" H N N 171 
DM2 "H5'"  H N N 172 
DM2 "H6'1" H N N 173 
DM2 "H6'2" H N N 174 
DM2 "H6'3" H N N 175 
DT  OP3    O N N 176 
DT  P      P N N 177 
DT  OP1    O N N 178 
DT  OP2    O N N 179 
DT  "O5'"  O N N 180 
DT  "C5'"  C N N 181 
DT  "C4'"  C N R 182 
DT  "O4'"  O N N 183 
DT  "C3'"  C N S 184 
DT  "O3'"  O N N 185 
DT  "C2'"  C N N 186 
DT  "C1'"  C N R 187 
DT  N1     N N N 188 
DT  C2     C N N 189 
DT  O2     O N N 190 
DT  N3     N N N 191 
DT  C4     C N N 192 
DT  O4     O N N 193 
DT  C5     C N N 194 
DT  C7     C N N 195 
DT  C6     C N N 196 
DT  HOP3   H N N 197 
DT  HOP2   H N N 198 
DT  "H5'"  H N N 199 
DT  "H5''" H N N 200 
DT  "H4'"  H N N 201 
DT  "H3'"  H N N 202 
DT  "HO3'" H N N 203 
DT  "H2'"  H N N 204 
DT  "H2''" H N N 205 
DT  "H1'"  H N N 206 
DT  H3     H N N 207 
DT  H71    H N N 208 
DT  H72    H N N 209 
DT  H73    H N N 210 
DT  H6     H N N 211 
HOH O      O N N 212 
HOH H1     H N N 213 
HOH H2     H N N 214 
# 
loop_
_chem_comp_bond.comp_id 
_chem_comp_bond.atom_id_1 
_chem_comp_bond.atom_id_2 
_chem_comp_bond.value_order 
_chem_comp_bond.pdbx_aromatic_flag 
_chem_comp_bond.pdbx_stereo_config 
_chem_comp_bond.pdbx_ordinal 
DA  OP3   P      sing N N 1   
DA  OP3   HOP3   sing N N 2   
DA  P     OP1    doub N N 3   
DA  P     OP2    sing N N 4   
DA  P     "O5'"  sing N N 5   
DA  OP2   HOP2   sing N N 6   
DA  "O5'" "C5'"  sing N N 7   
DA  "C5'" "C4'"  sing N N 8   
DA  "C5'" "H5'"  sing N N 9   
DA  "C5'" "H5''" sing N N 10  
DA  "C4'" "O4'"  sing N N 11  
DA  "C4'" "C3'"  sing N N 12  
DA  "C4'" "H4'"  sing N N 13  
DA  "O4'" "C1'"  sing N N 14  
DA  "C3'" "O3'"  sing N N 15  
DA  "C3'" "C2'"  sing N N 16  
DA  "C3'" "H3'"  sing N N 17  
DA  "O3'" "HO3'" sing N N 18  
DA  "C2'" "C1'"  sing N N 19  
DA  "C2'" "H2'"  sing N N 20  
DA  "C2'" "H2''" sing N N 21  
DA  "C1'" N9     sing N N 22  
DA  "C1'" "H1'"  sing N N 23  
DA  N9    C8     sing Y N 24  
DA  N9    C4     sing Y N 25  
DA  C8    N7     doub Y N 26  
DA  C8    H8     sing N N 27  
DA  N7    C5     sing Y N 28  
DA  C5    C6     sing Y N 29  
DA  C5    C4     doub Y N 30  
DA  C6    N6     sing N N 31  
DA  C6    N1     doub Y N 32  
DA  N6    H61    sing N N 33  
DA  N6    H62    sing N N 34  
DA  N1    C2     sing Y N 35  
DA  C2    N3     doub Y N 36  
DA  C2    H2     sing N N 37  
DA  N3    C4     sing Y N 38  
DC  OP3   P      sing N N 39  
DC  OP3   HOP3   sing N N 40  
DC  P     OP1    doub N N 41  
DC  P     OP2    sing N N 42  
DC  P     "O5'"  sing N N 43  
DC  OP2   HOP2   sing N N 44  
DC  "O5'" "C5'"  sing N N 45  
DC  "C5'" "C4'"  sing N N 46  
DC  "C5'" "H5'"  sing N N 47  
DC  "C5'" "H5''" sing N N 48  
DC  "C4'" "O4'"  sing N N 49  
DC  "C4'" "C3'"  sing N N 50  
DC  "C4'" "H4'"  sing N N 51  
DC  "O4'" "C1'"  sing N N 52  
DC  "C3'" "O3'"  sing N N 53  
DC  "C3'" "C2'"  sing N N 54  
DC  "C3'" "H3'"  sing N N 55  
DC  "O3'" "HO3'" sing N N 56  
DC  "C2'" "C1'"  sing N N 57  
DC  "C2'" "H2'"  sing N N 58  
DC  "C2'" "H2''" sing N N 59  
DC  "C1'" N1     sing N N 60  
DC  "C1'" "H1'"  sing N N 61  
DC  N1    C2     sing N N 62  
DC  N1    C6     sing N N 63  
DC  C2    O2     doub N N 64  
DC  C2    N3     sing N N 65  
DC  N3    C4     doub N N 66  
DC  C4    N4     sing N N 67  
DC  C4    C5     sing N N 68  
DC  N4    H41    sing N N 69  
DC  N4    H42    sing N N 70  
DC  C5    C6     doub N N 71  
DC  C5    H5     sing N N 72  
DC  C6    H6     sing N N 73  
DG  OP3   P      sing N N 74  
DG  OP3   HOP3   sing N N 75  
DG  P     OP1    doub N N 76  
DG  P     OP2    sing N N 77  
DG  P     "O5'"  sing N N 78  
DG  OP2   HOP2   sing N N 79  
DG  "O5'" "C5'"  sing N N 80  
DG  "C5'" "C4'"  sing N N 81  
DG  "C5'" "H5'"  sing N N 82  
DG  "C5'" "H5''" sing N N 83  
DG  "C4'" "O4'"  sing N N 84  
DG  "C4'" "C3'"  sing N N 85  
DG  "C4'" "H4'"  sing N N 86  
DG  "O4'" "C1'"  sing N N 87  
DG  "C3'" "O3'"  sing N N 88  
DG  "C3'" "C2'"  sing N N 89  
DG  "C3'" "H3'"  sing N N 90  
DG  "O3'" "HO3'" sing N N 91  
DG  "C2'" "C1'"  sing N N 92  
DG  "C2'" "H2'"  sing N N 93  
DG  "C2'" "H2''" sing N N 94  
DG  "C1'" N9     sing N N 95  
DG  "C1'" "H1'"  sing N N 96  
DG  N9    C8     sing Y N 97  
DG  N9    C4     sing Y N 98  
DG  C8    N7     doub Y N 99  
DG  C8    H8     sing N N 100 
DG  N7    C5     sing Y N 101 
DG  C5    C6     sing N N 102 
DG  C5    C4     doub Y N 103 
DG  C6    O6     doub N N 104 
DG  C6    N1     sing N N 105 
DG  N1    C2     sing N N 106 
DG  N1    H1     sing N N 107 
DG  C2    N2     sing N N 108 
DG  C2    N3     doub N N 109 
DG  N2    H21    sing N N 110 
DG  N2    H22    sing N N 111 
DG  N3    C4     sing N N 112 
DM2 C1    C2     doub Y N 113 
DM2 C1    C20    sing Y N 114 
DM2 C1    H1     sing N N 115 
DM2 C2    C3     sing Y N 116 
DM2 C2    H2     sing N N 117 
DM2 C3    C4     doub Y N 118 
DM2 C3    H3     sing N N 119 
DM2 C4    O4     sing N N 120 
DM2 C4    C5     sing Y N 121 
DM2 O4    C21    sing N N 122 
DM2 C5    C6     sing N N 123 
DM2 C5    C20    doub Y N 124 
DM2 C6    O6     doub N N 125 
DM2 C6    C7     sing N N 126 
DM2 C7    C8     doub Y N 127 
DM2 C7    C18    sing Y N 128 
DM2 C8    O8     sing N N 129 
DM2 C8    C9     sing Y N 130 
DM2 O8    HO8    sing N N 131 
DM2 C9    C10    sing N N 132 
DM2 C9    C16    doub Y N 133 
DM2 C10   O10    sing N N 134 
DM2 C10   C11    sing N N 135 
DM2 C10   H10    sing N N 136 
DM2 O10   "C1'"  sing N N 137 
DM2 C11   C12    sing N N 138 
DM2 C11   H111   sing N N 139 
DM2 C11   H112   sing N N 140 
DM2 C12   O12    sing N N 141 
DM2 C12   C13    sing N N 142 
DM2 C12   C15    sing N N 143 
DM2 O12   HO12   sing N N 144 
DM2 C13   O13    doub N N 145 
DM2 C13   C14    sing N N 146 
DM2 C14   O14    sing N N 147 
DM2 C14   H141   sing N N 148 
DM2 C14   H142   sing N N 149 
DM2 O14   HO14   sing N N 150 
DM2 C15   C16    sing N N 151 
DM2 C15   H151   sing N N 152 
DM2 C15   H152   sing N N 153 
DM2 C16   C17    sing Y N 154 
DM2 C17   O17    sing N N 155 
DM2 C17   C18    doub Y N 156 
DM2 O17   HO17   sing N N 157 
DM2 C18   C19    sing N N 158 
DM2 C19   O19    doub N N 159 
DM2 C19   C20    sing N N 160 
DM2 C21   H211   sing N N 161 
DM2 C21   H212   sing N N 162 
DM2 C21   H213   sing N N 163 
DM2 "C1'" "C2'"  sing N N 164 
DM2 "C1'" "O5'"  sing N N 165 
DM2 "C1'" "H1'"  sing N N 166 
DM2 "C2'" "C3'"  sing N N 167 
DM2 "C2'" "H2'1" sing N N 168 
DM2 "C2'" "H2'2" sing N N 169 
DM2 "C3'" "N3'"  sing N N 170 
DM2 "C3'" "C4'"  sing N N 171 
DM2 "C3'" "H3'"  sing N N 172 
DM2 "N3'" "HN'1" sing N N 173 
DM2 "N3'" "HN'2" sing N N 174 
DM2 "C4'" "O4'"  sing N N 175 
DM2 "C4'" "C5'"  sing N N 176 
DM2 "C4'" "H4'"  sing N N 177 
DM2 "O4'" "HO4'" sing N N 178 
DM2 "C5'" "O5'"  sing N N 179 
DM2 "C5'" "C6'"  sing N N 180 
DM2 "C5'" "H5'"  sing N N 181 
DM2 "C6'" "H6'1" sing N N 182 
DM2 "C6'" "H6'2" sing N N 183 
DM2 "C6'" "H6'3" sing N N 184 
DT  OP3   P      sing N N 185 
DT  OP3   HOP3   sing N N 186 
DT  P     OP1    doub N N 187 
DT  P     OP2    sing N N 188 
DT  P     "O5'"  sing N N 189 
DT  OP2   HOP2   sing N N 190 
DT  "O5'" "C5'"  sing N N 191 
DT  "C5'" "C4'"  sing N N 192 
DT  "C5'" "H5'"  sing N N 193 
DT  "C5'" "H5''" sing N N 194 
DT  "C4'" "O4'"  sing N N 195 
DT  "C4'" "C3'"  sing N N 196 
DT  "C4'" "H4'"  sing N N 197 
DT  "O4'" "C1'"  sing N N 198 
DT  "C3'" "O3'"  sing N N 199 
DT  "C3'" "C2'"  sing N N 200 
DT  "C3'" "H3'"  sing N N 201 
DT  "O3'" "HO3'" sing N N 202 
DT  "C2'" "C1'"  sing N N 203 
DT  "C2'" "H2'"  sing N N 204 
DT  "C2'" "H2''" sing N N 205 
DT  "C1'" N1     sing N N 206 
DT  "C1'" "H1'"  sing N N 207 
DT  N1    C2     sing N N 208 
DT  N1    C6     sing N N 209 
DT  C2    O2     doub N N 210 
DT  C2    N3     sing N N 211 
DT  N3    C4     sing N N 212 
DT  N3    H3     sing N N 213 
DT  C4    O4     doub N N 214 
DT  C4    C5     sing N N 215 
DT  C5    C7     sing N N 216 
DT  C5    C6     doub N N 217 
DT  C7    H71    sing N N 218 
DT  C7    H72    sing N N 219 
DT  C7    H73    sing N N 220 
DT  C6    H6     sing N N 221 
HOH O     H1     sing N N 222 
HOH O     H2     sing N N 223 
# 
_ndb_struct_conf_na.entry_id   1DA9 
_ndb_struct_conf_na.feature    'b-form double helix' 
# 
loop_
_ndb_struct_na_base_pair.model_number 
_ndb_struct_na_base_pair.i_label_asym_id 
_ndb_struct_na_base_pair.i_label_comp_id 
_ndb_struct_na_base_pair.i_label_seq_id 
_ndb_struct_na_base_pair.i_symmetry 
_ndb_struct_na_base_pair.j_label_asym_id 
_ndb_struct_na_base_pair.j_label_comp_id 
_ndb_struct_na_base_pair.j_label_seq_id 
_ndb_struct_na_base_pair.j_symmetry 
_ndb_struct_na_base_pair.shear 
_ndb_struct_na_base_pair.stretch 
_ndb_struct_na_base_pair.stagger 
_ndb_struct_na_base_pair.buckle 
_ndb_struct_na_base_pair.propeller 
_ndb_struct_na_base_pair.opening 
_ndb_struct_na_base_pair.pair_number 
_ndb_struct_na_base_pair.pair_name 
_ndb_struct_na_base_pair.i_auth_asym_id 
_ndb_struct_na_base_pair.i_auth_seq_id 
_ndb_struct_na_base_pair.i_PDB_ins_code 
_ndb_struct_na_base_pair.j_auth_asym_id 
_ndb_struct_na_base_pair.j_auth_seq_id 
_ndb_struct_na_base_pair.j_PDB_ins_code 
_ndb_struct_na_base_pair.hbond_type_28 
_ndb_struct_na_base_pair.hbond_type_12 
1 A DT 1 1_555 A DA 6 8_555 -0.022 -0.438 -0.124 11.772  1.440  1.698  1 A_DT1:DA6_A A 1 ? A 6 ? 20 1 
1 A DG 2 1_555 A DC 5 8_555 -0.202 -0.123 -0.574 -15.334 6.294  -0.535 2 A_DG2:DC5_A A 2 ? A 5 ? 19 1 
1 A DG 3 1_555 A DC 4 8_555 -0.262 -0.058 0.069  -2.575  -2.237 0.191  3 A_DG3:DC4_A A 3 ? A 4 ? 19 1 
1 A DC 4 1_555 A DG 3 8_555 0.262  -0.058 0.069  2.575   -2.237 0.191  4 A_DC4:DG3_A A 4 ? A 3 ? 19 1 
1 A DC 5 1_555 A DG 2 8_555 0.202  -0.123 -0.574 15.334  6.294  -0.535 5 A_DC5:DG2_A A 5 ? A 2 ? 19 1 
1 A DA 6 1_555 A DT 1 8_555 0.022  -0.438 -0.124 -11.772 1.440  1.698  6 A_DA6:DT1_A A 6 ? A 1 ? 20 1 
# 
loop_
_ndb_struct_na_base_pair_step.model_number 
_ndb_struct_na_base_pair_step.i_label_asym_id_1 
_ndb_struct_na_base_pair_step.i_label_comp_id_1 
_ndb_struct_na_base_pair_step.i_label_seq_id_1 
_ndb_struct_na_base_pair_step.i_symmetry_1 
_ndb_struct_na_base_pair_step.j_label_asym_id_1 
_ndb_struct_na_base_pair_step.j_label_comp_id_1 
_ndb_struct_na_base_pair_step.j_label_seq_id_1 
_ndb_struct_na_base_pair_step.j_symmetry_1 
_ndb_struct_na_base_pair_step.i_label_asym_id_2 
_ndb_struct_na_base_pair_step.i_label_comp_id_2 
_ndb_struct_na_base_pair_step.i_label_seq_id_2 
_ndb_struct_na_base_pair_step.i_symmetry_2 
_ndb_struct_na_base_pair_step.j_label_asym_id_2 
_ndb_struct_na_base_pair_step.j_label_comp_id_2 
_ndb_struct_na_base_pair_step.j_label_seq_id_2 
_ndb_struct_na_base_pair_step.j_symmetry_2 
_ndb_struct_na_base_pair_step.shift 
_ndb_struct_na_base_pair_step.slide 
_ndb_struct_na_base_pair_step.rise 
_ndb_struct_na_base_pair_step.tilt 
_ndb_struct_na_base_pair_step.roll 
_ndb_struct_na_base_pair_step.twist 
_ndb_struct_na_base_pair_step.x_displacement 
_ndb_struct_na_base_pair_step.y_displacement 
_ndb_struct_na_base_pair_step.helical_rise 
_ndb_struct_na_base_pair_step.inclination 
_ndb_struct_na_base_pair_step.tip 
_ndb_struct_na_base_pair_step.helical_twist 
_ndb_struct_na_base_pair_step.step_number 
_ndb_struct_na_base_pair_step.step_name 
_ndb_struct_na_base_pair_step.i_auth_asym_id_1 
_ndb_struct_na_base_pair_step.i_auth_seq_id_1 
_ndb_struct_na_base_pair_step.i_PDB_ins_code_1 
_ndb_struct_na_base_pair_step.j_auth_asym_id_1 
_ndb_struct_na_base_pair_step.j_auth_seq_id_1 
_ndb_struct_na_base_pair_step.j_PDB_ins_code_1 
_ndb_struct_na_base_pair_step.i_auth_asym_id_2 
_ndb_struct_na_base_pair_step.i_auth_seq_id_2 
_ndb_struct_na_base_pair_step.i_PDB_ins_code_2 
_ndb_struct_na_base_pair_step.j_auth_asym_id_2 
_ndb_struct_na_base_pair_step.j_auth_seq_id_2 
_ndb_struct_na_base_pair_step.j_PDB_ins_code_2 
1 A DT 1 1_555 A DA 6 8_555 A DG 2 1_555 A DC 5 8_555 1.254  1.103  7.121 3.145  1.200  34.769 1.439  -1.044 7.236 2.002  -5.248  
34.926 1 AA_DT1DG2:DC5DA6_AA A 1 ? A 6 ? A 2 ? A 5 ? 
1 A DG 2 1_555 A DC 5 8_555 A DG 3 1_555 A DC 4 8_555 -1.455 0.946  3.070 -8.247 4.791  28.505 0.817  1.072  3.457 9.404  16.185  
30.027 2 AA_DG2DG3:DC4DC5_AA A 2 ? A 5 ? A 3 ? A 4 ? 
1 A DG 3 1_555 A DC 4 8_555 A DC 4 1_555 A DG 3 8_555 0.000  -0.390 3.388 0.000  -0.830 35.283 -0.515 0.000  3.396 -1.370 0.000   
35.292 3 AA_DG3DC4:DG3DC4_AA A 3 ? A 4 ? A 4 ? A 3 ? 
1 A DC 4 1_555 A DG 3 8_555 A DC 5 1_555 A DG 2 8_555 1.455  0.946  3.070 8.247  4.791  28.505 0.817  -1.072 3.457 9.404  -16.185 
30.027 4 AA_DC4DC5:DG2DG3_AA A 4 ? A 3 ? A 5 ? A 2 ? 
1 A DC 5 1_555 A DG 2 8_555 A DA 6 1_555 A DT 1 8_555 -1.254 1.103  7.121 -3.145 1.200  34.769 1.439  1.044  7.236 2.002  5.248   
34.926 5 AA_DC5DA6:DT1DG2_AA A 5 ? A 2 ? A 6 ? A 1 ? 
# 
_atom_sites.entry_id                    1DA9 
_atom_sites.fract_transf_matrix[1][1]   0.01379969 
_atom_sites.fract_transf_matrix[1][2]   -0.02175373 
_atom_sites.fract_transf_matrix[1][3]   -0.02471649 
_atom_sites.fract_transf_matrix[2][1]   -0.03220512 
_atom_sites.fract_transf_matrix[2][2]   -0.01449522 
_atom_sites.fract_transf_matrix[2][3]   -0.00522305 
_atom_sites.fract_transf_matrix[3][1]   -0.00362226 
_atom_sites.fract_transf_matrix[3][2]   0.01285260 
_atom_sites.fract_transf_matrix[3][3]   -0.01333434 
_atom_sites.fract_transf_vector[1]      -0.423941 
_atom_sites.fract_transf_vector[2]      0.528490 
_atom_sites.fract_transf_vector[3]      0.221791 
# 
loop_
_atom_type.symbol 
C 
N 
O 
P 
# 
loop_
_atom_site.group_PDB 
_atom_site.id 
_atom_site.type_symbol 
_atom_site.label_atom_id 
_atom_site.label_alt_id 
_atom_site.label_comp_id 
_atom_site.label_asym_id 
_atom_site.label_entity_id 
_atom_site.label_seq_id 
_atom_site.pdbx_PDB_ins_code 
_atom_site.Cartn_x 
_atom_site.Cartn_y 
_atom_site.Cartn_z 
_atom_site.occupancy 
_atom_site.B_iso_or_equiv 
_atom_site.pdbx_formal_charge 
_atom_site.auth_seq_id 
_atom_site.auth_comp_id 
_atom_site.auth_asym_id 
_atom_site.auth_atom_id 
_atom_site.pdbx_PDB_model_num 
ATOM   1   O "O5'" . DT  A 1 1 ? -9.624  9.467   -3.784  1.00 36.68 ? 1  DT  A "O5'" 1 
ATOM   2   C "C5'" . DT  A 1 1 ? -10.307 9.661   -5.032  1.00 4.63  ? 1  DT  A "C5'" 1 
ATOM   3   C "C4'" . DT  A 1 1 ? -9.412  9.134   -6.127  1.00 5.29  ? 1  DT  A "C4'" 1 
ATOM   4   O "O4'" . DT  A 1 1 ? -8.417  9.952   -6.599  1.00 18.73 ? 1  DT  A "O4'" 1 
ATOM   5   C "C3'" . DT  A 1 1 ? -8.741  7.810   -5.801  1.00 17.42 ? 1  DT  A "C3'" 1 
ATOM   6   O "O3'" . DT  A 1 1 ? -9.155  6.911   -6.863  1.00 28.51 ? 1  DT  A "O3'" 1 
ATOM   7   C "C2'" . DT  A 1 1 ? -7.259  8.138   -5.896  1.00 11.81 ? 1  DT  A "C2'" 1 
ATOM   8   C "C1'" . DT  A 1 1 ? -7.184  9.268   -6.964  1.00 10.48 ? 1  DT  A "C1'" 1 
ATOM   9   N N1    . DT  A 1 1 ? -6.117  10.208  -6.468  1.00 11.01 ? 1  DT  A N1    1 
ATOM   10  C C2    . DT  A 1 1 ? -4.927  10.258  -7.125  1.00 2.00  ? 1  DT  A C2    1 
ATOM   11  O O2    . DT  A 1 1 ? -4.709  9.561   -8.088  1.00 12.06 ? 1  DT  A O2    1 
ATOM   12  N N3    . DT  A 1 1 ? -4.031  11.132  -6.653  1.00 2.92  ? 1  DT  A N3    1 
ATOM   13  C C4    . DT  A 1 1 ? -4.233  11.911  -5.593  1.00 2.00  ? 1  DT  A C4    1 
ATOM   14  O O4    . DT  A 1 1 ? -3.344  12.694  -5.169  1.00 9.78  ? 1  DT  A O4    1 
ATOM   15  C C5    . DT  A 1 1 ? -5.499  11.857  -4.919  1.00 8.71  ? 1  DT  A C5    1 
ATOM   16  C C7    . DT  A 1 1 ? -5.774  12.691  -3.718  1.00 12.27 ? 1  DT  A C7    1 
ATOM   17  C C6    . DT  A 1 1 ? -6.407  11.000  -5.379  1.00 10.82 ? 1  DT  A C6    1 
ATOM   18  P P     . DG  A 1 2 ? -9.690  5.433   -6.620  1.00 40.20 ? 2  DG  A P     1 
ATOM   19  O OP1   . DG  A 1 2 ? -10.178 4.984   -7.955  1.00 63.29 ? 2  DG  A OP1   1 
ATOM   20  O OP2   . DG  A 1 2 ? -10.724 5.371   -5.551  1.00 40.57 ? 2  DG  A OP2   1 
ATOM   21  O "O5'" . DG  A 1 2 ? -8.316  4.678   -6.184  1.00 34.26 ? 2  DG  A "O5'" 1 
ATOM   22  C "C5'" . DG  A 1 2 ? -7.460  4.130   -7.199  1.00 20.80 ? 2  DG  A "C5'" 1 
ATOM   23  C "C4'" . DG  A 1 2 ? -6.225  3.588   -6.482  1.00 16.93 ? 2  DG  A "C4'" 1 
ATOM   24  O "O4'" . DG  A 1 2 ? -5.692  4.588   -5.624  1.00 17.70 ? 2  DG  A "O4'" 1 
ATOM   25  C "C3'" . DG  A 1 2 ? -6.577  2.414   -5.584  1.00 20.26 ? 2  DG  A "C3'" 1 
ATOM   26  O "O3'" . DG  A 1 2 ? -5.830  1.257   -5.950  1.00 37.10 ? 2  DG  A "O3'" 1 
ATOM   27  C "C2'" . DG  A 1 2 ? -6.303  2.931   -4.178  1.00 21.57 ? 2  DG  A "C2'" 1 
ATOM   28  C "C1'" . DG  A 1 2 ? -5.149  3.824   -4.522  1.00 12.82 ? 2  DG  A "C1'" 1 
ATOM   29  N N9    . DG  A 1 2 ? -4.791  4.782   -3.508  1.00 4.96  ? 2  DG  A N9    1 
ATOM   30  C C8    . DG  A 1 2 ? -5.617  5.425   -2.650  1.00 2.00  ? 2  DG  A C8    1 
ATOM   31  N N7    . DG  A 1 2 ? -4.982  6.276   -1.874  1.00 8.72  ? 2  DG  A N7    1 
ATOM   32  C C5    . DG  A 1 2 ? -3.652  6.199   -2.250  1.00 3.32  ? 2  DG  A C5    1 
ATOM   33  C C6    . DG  A 1 2 ? -2.519  6.916   -1.806  1.00 2.00  ? 2  DG  A C6    1 
ATOM   34  O O6    . DG  A 1 2 ? -2.330  7.705   -0.910  1.00 4.77  ? 2  DG  A O6    1 
ATOM   35  N N1    . DG  A 1 2 ? -1.370  6.590   -2.493  1.00 2.51  ? 2  DG  A N1    1 
ATOM   36  C C2    . DG  A 1 2 ? -1.344  5.672   -3.474  1.00 2.00  ? 2  DG  A C2    1 
ATOM   37  N N2    . DG  A 1 2 ? -0.157  5.520   -3.996  1.00 2.00  ? 2  DG  A N2    1 
ATOM   38  N N3    . DG  A 1 2 ? -2.373  4.990   -3.943  1.00 8.79  ? 2  DG  A N3    1 
ATOM   39  C C4    . DG  A 1 2 ? -3.516  5.283   -3.282  1.00 2.00  ? 2  DG  A C4    1 
ATOM   40  P P     . DG  A 1 3 ? -6.425  -0.248  -5.956  1.00 26.26 ? 3  DG  A P     1 
ATOM   41  O OP1   . DG  A 1 3 ? -7.462  -0.558  -7.007  1.00 40.14 ? 3  DG  A OP1   1 
ATOM   42  O OP2   . DG  A 1 3 ? -6.842  -0.574  -4.596  1.00 29.51 ? 3  DG  A OP2   1 
ATOM   43  O "O5'" . DG  A 1 3 ? -5.039  -0.976  -6.389  1.00 13.32 ? 3  DG  A "O5'" 1 
ATOM   44  C "C5'" . DG  A 1 3 ? -4.360  -0.541  -7.609  1.00 12.91 ? 3  DG  A "C5'" 1 
ATOM   45  C "C4'" . DG  A 1 3 ? -2.892  -0.617  -7.219  1.00 20.72 ? 3  DG  A "C4'" 1 
ATOM   46  O "O4'" . DG  A 1 3 ? -2.429  0.389   -6.337  1.00 17.26 ? 3  DG  A "O4'" 1 
ATOM   47  C "C3'" . DG  A 1 3 ? -2.576  -1.963  -6.562  1.00 15.34 ? 3  DG  A "C3'" 1 
ATOM   48  O "O3'" . DG  A 1 3 ? -1.315  -2.412  -7.045  1.00 22.87 ? 3  DG  A "O3'" 1 
ATOM   49  C "C2'" . DG  A 1 3 ? -2.453  -1.551  -5.096  1.00 29.11 ? 3  DG  A "C2'" 1 
ATOM   50  C "C1'" . DG  A 1 3 ? -1.749  -0.211  -5.211  1.00 12.65 ? 3  DG  A "C1'" 1 
ATOM   51  N N9    . DG  A 1 3 ? -2.082  0.615   -4.032  1.00 10.91 ? 3  DG  A N9    1 
ATOM   52  C C8    . DG  A 1 3 ? -3.309  0.825   -3.518  1.00 10.59 ? 3  DG  A C8    1 
ATOM   53  N N7    . DG  A 1 3 ? -3.270  1.661   -2.505  1.00 5.42  ? 3  DG  A N7    1 
ATOM   54  C C5    . DG  A 1 3 ? -1.968  2.049   -2.395  1.00 6.12  ? 3  DG  A C5    1 
ATOM   55  C C6    . DG  A 1 3 ? -1.341  2.949   -1.465  1.00 2.00  ? 3  DG  A C6    1 
ATOM   56  O O6    . DG  A 1 3 ? -1.887  3.565   -0.552  1.00 10.43 ? 3  DG  A O6    1 
ATOM   57  N N1    . DG  A 1 3 ? 0.001   3.054   -1.646  1.00 2.00  ? 3  DG  A N1    1 
ATOM   58  C C2    . DG  A 1 3 ? 0.612   2.370   -2.621  1.00 2.52  ? 3  DG  A C2    1 
ATOM   59  N N2    . DG  A 1 3 ? 1.918   2.561   -2.703  1.00 4.36  ? 3  DG  A N2    1 
ATOM   60  N N3    . DG  A 1 3 ? 0.131   1.504   -3.543  1.00 15.60 ? 3  DG  A N3    1 
ATOM   61  C C4    . DG  A 1 3 ? -1.211  1.414   -3.334  1.00 7.16  ? 3  DG  A C4    1 
ATOM   62  P P     . DC  A 1 4 ? -0.685  -3.843  -6.744  1.00 15.15 ? 4  DC  A P     1 
ATOM   63  O OP1   . DC  A 1 4 ? -0.067  -4.370  -8.004  1.00 21.21 ? 4  DC  A OP1   1 
ATOM   64  O OP2   . DC  A 1 4 ? -1.802  -4.548  -6.092  1.00 21.63 ? 4  DC  A OP2   1 
ATOM   65  O "O5'" . DC  A 1 4 ? 0.580   -3.521  -5.815  1.00 10.31 ? 4  DC  A "O5'" 1 
ATOM   66  C "C5'" . DC  A 1 4 ? 1.889   -3.109  -6.269  1.00 12.76 ? 4  DC  A "C5'" 1 
ATOM   67  C "C4'" . DC  A 1 4 ? 2.591   -2.683  -4.970  1.00 11.59 ? 4  DC  A "C4'" 1 
ATOM   68  O "O4'" . DC  A 1 4 ? 1.782   -1.862  -4.161  1.00 18.67 ? 4  DC  A "O4'" 1 
ATOM   69  C "C3'" . DC  A 1 4 ? 2.748   -3.961  -4.130  1.00 18.68 ? 4  DC  A "C3'" 1 
ATOM   70  O "O3'" . DC  A 1 4 ? 3.998   -4.527  -4.430  1.00 30.79 ? 4  DC  A "O3'" 1 
ATOM   71  C "C2'" . DC  A 1 4 ? 2.522   -3.510  -2.726  1.00 16.89 ? 4  DC  A "C2'" 1 
ATOM   72  C "C1'" . DC  A 1 4 ? 2.296   -2.012  -2.811  1.00 6.37  ? 4  DC  A "C1'" 1 
ATOM   73  N N1    . DC  A 1 4 ? 1.194   -1.595  -1.900  1.00 4.49  ? 4  DC  A N1    1 
ATOM   74  C C2    . DC  A 1 4 ? 1.498   -0.656  -0.950  1.00 5.23  ? 4  DC  A C2    1 
ATOM   75  O O2    . DC  A 1 4 ? 2.679   -0.331  -0.874  1.00 15.49 ? 4  DC  A O2    1 
ATOM   76  N N3    . DC  A 1 4 ? 0.520   -0.120  -0.099  1.00 6.64  ? 4  DC  A N3    1 
ATOM   77  C C4    . DC  A 1 4 ? -0.731  -0.585  -0.267  1.00 2.00  ? 4  DC  A C4    1 
ATOM   78  N N4    . DC  A 1 4 ? -1.784  -0.227  0.452   1.00 3.16  ? 4  DC  A N4    1 
ATOM   79  C C5    . DC  A 1 4 ? -1.005  -1.609  -1.264  1.00 4.67  ? 4  DC  A C5    1 
ATOM   80  C C6    . DC  A 1 4 ? -0.018  -2.058  -2.061  1.00 4.94  ? 4  DC  A C6    1 
ATOM   81  P P     . DC  A 1 5 ? 4.692   -5.866  -3.944  1.00 31.11 ? 5  DC  A P     1 
ATOM   82  O OP1   . DC  A 1 5 ? 5.928   -6.159  -4.773  1.00 40.44 ? 5  DC  A OP1   1 
ATOM   83  O OP2   . DC  A 1 5 ? 3.690   -6.933  -3.989  1.00 18.56 ? 5  DC  A OP2   1 
ATOM   84  O "O5'" . DC  A 1 5 ? 5.109   -5.631  -2.414  1.00 20.11 ? 5  DC  A "O5'" 1 
ATOM   85  C "C5'" . DC  A 1 5 ? 6.095   -4.873  -1.733  1.00 8.04  ? 5  DC  A "C5'" 1 
ATOM   86  C "C4'" . DC  A 1 5 ? 5.882   -4.949  -0.248  1.00 6.23  ? 5  DC  A "C4'" 1 
ATOM   87  O "O4'" . DC  A 1 5 ? 4.881   -4.077  0.211   1.00 14.69 ? 5  DC  A "O4'" 1 
ATOM   88  C "C3'" . DC  A 1 5 ? 5.575   -6.253  0.438   1.00 15.17 ? 5  DC  A "C3'" 1 
ATOM   89  O "O3'" . DC  A 1 5 ? 6.121   -6.375  1.776   1.00 24.32 ? 5  DC  A "O3'" 1 
ATOM   90  C "C2'" . DC  A 1 5 ? 4.037   -6.253  0.525   1.00 13.77 ? 5  DC  A "C2'" 1 
ATOM   91  C "C1'" . DC  A 1 5 ? 3.839   -4.773  0.835   1.00 8.59  ? 5  DC  A "C1'" 1 
ATOM   92  N N1    . DC  A 1 5 ? 2.431   -4.475  0.816   1.00 5.36  ? 5  DC  A N1    1 
ATOM   93  C C2    . DC  A 1 5 ? 2.049   -3.369  1.558   1.00 2.00  ? 5  DC  A C2    1 
ATOM   94  O O2    . DC  A 1 5 ? 2.790   -2.560  2.098   1.00 8.86  ? 5  DC  A O2    1 
ATOM   95  N N3    . DC  A 1 5 ? 0.722   -3.108  1.689   1.00 7.67  ? 5  DC  A N3    1 
ATOM   96  C C4    . DC  A 1 5 ? -0.195  -3.875  1.103   1.00 2.00  ? 5  DC  A C4    1 
ATOM   97  N N4    . DC  A 1 5 ? -1.481  -3.526  1.323   1.00 9.14  ? 5  DC  A N4    1 
ATOM   98  C C5    . DC  A 1 5 ? 0.193   -4.994  0.301   1.00 6.99  ? 5  DC  A C5    1 
ATOM   99  C C6    . DC  A 1 5 ? 1.502   -5.273  0.186   1.00 2.59  ? 5  DC  A C6    1 
ATOM   100 P P     . DA  A 1 6 ? 7.674   -6.816  1.866   1.00 23.71 ? 6  DA  A P     1 
ATOM   101 O OP1   . DA  A 1 6 ? 8.431   -5.866  0.942   1.00 43.55 ? 6  DA  A OP1   1 
ATOM   102 O OP2   . DA  A 1 6 ? 7.707   -8.199  1.515   1.00 22.81 ? 6  DA  A OP2   1 
ATOM   103 O "O5'" . DA  A 1 6 ? 8.149   -6.531  3.333   1.00 25.29 ? 6  DA  A "O5'" 1 
ATOM   104 C "C5'" . DA  A 1 6 ? 8.341   -5.158  3.742   1.00 24.11 ? 6  DA  A "C5'" 1 
ATOM   105 C "C4'" . DA  A 1 6 ? 8.558   -5.114  5.194   1.00 23.56 ? 6  DA  A "C4'" 1 
ATOM   106 O "O4'" . DA  A 1 6 ? 7.426   -4.995  5.999   1.00 27.42 ? 6  DA  A "O4'" 1 
ATOM   107 C "C3'" . DA  A 1 6 ? 9.430   -6.122  5.921   1.00 29.75 ? 6  DA  A "C3'" 1 
ATOM   108 O "O3'" . DA  A 1 6 ? 10.039  -5.342  6.995   1.00 37.84 ? 6  DA  A "O3'" 1 
ATOM   109 C "C2'" . DA  A 1 6 ? 8.364   -7.095  6.466   1.00 17.75 ? 6  DA  A "C2'" 1 
ATOM   110 C "C1'" . DA  A 1 6 ? 7.340   -6.078  6.989   1.00 4.81  ? 6  DA  A "C1'" 1 
ATOM   111 N N9    . DA  A 1 6 ? 5.997   -6.558  6.824   1.00 5.20  ? 6  DA  A N9    1 
ATOM   112 C C8    . DA  A 1 6 ? 5.634   -7.452  5.835   1.00 2.00  ? 6  DA  A C8    1 
ATOM   113 N N7    . DA  A 1 6 ? 4.389   -7.740  5.805   1.00 3.04  ? 6  DA  A N7    1 
ATOM   114 C C5    . DA  A 1 6 ? 3.853   -6.954  6.822   1.00 7.06  ? 6  DA  A C5    1 
ATOM   115 C C6    . DA  A 1 6 ? 2.500   -6.859  7.281   1.00 2.00  ? 6  DA  A C6    1 
ATOM   116 N N6    . DA  A 1 6 ? 1.547   -7.575  6.752   1.00 2.00  ? 6  DA  A N6    1 
ATOM   117 N N1    . DA  A 1 6 ? 2.306   -6.030  8.297   1.00 8.50  ? 6  DA  A N1    1 
ATOM   118 C C2    . DA  A 1 6 ? 3.376   -5.295  8.798   1.00 2.00  ? 6  DA  A C2    1 
ATOM   119 N N3    . DA  A 1 6 ? 4.651   -5.298  8.427   1.00 4.39  ? 6  DA  A N3    1 
ATOM   120 C C4    . DA  A 1 6 ? 4.815   -6.190  7.439   1.00 4.92  ? 6  DA  A C4    1 
HETATM 121 C C1    . DM2 B 2 . ? -2.510  -5.696  4.310   1.00 2.93  ? 7  DM2 A C1    1 
HETATM 122 C C2    . DM2 B 2 . ? -2.764  -6.703  3.387   1.00 8.87  ? 7  DM2 A C2    1 
HETATM 123 C C3    . DM2 B 2 . ? -1.796  -7.342  2.731   1.00 15.30 ? 7  DM2 A C3    1 
HETATM 124 C C4    . DM2 B 2 . ? -0.446  -7.008  2.935   1.00 9.22  ? 7  DM2 A C4    1 
HETATM 125 O O4    . DM2 B 2 . ? 0.634   -7.544  2.283   1.00 9.20  ? 7  DM2 A O4    1 
HETATM 126 C C5    . DM2 B 2 . ? -0.128  -5.956  3.878   1.00 3.20  ? 7  DM2 A C5    1 
HETATM 127 C C6    . DM2 B 2 . ? 1.259   -5.524  4.135   1.00 6.82  ? 7  DM2 A C6    1 
HETATM 128 O O6    . DM2 B 2 . ? 2.221   -6.100  3.596   1.00 13.73 ? 7  DM2 A O6    1 
HETATM 129 C C7    . DM2 B 2 . ? 1.449   -4.452  5.102   1.00 5.93  ? 7  DM2 A C7    1 
HETATM 130 C C8    . DM2 B 2 . ? 2.733   -4.018  5.380   1.00 7.52  ? 7  DM2 A C8    1 
HETATM 131 O O8    . DM2 B 2 . ? 3.828   -4.462  4.686   1.00 15.03 ? 7  DM2 A O8    1 
HETATM 132 C C9    . DM2 B 2 . ? 2.899   -2.956  6.352   1.00 13.12 ? 7  DM2 A C9    1 
HETATM 133 C C10   . DM2 B 2 . ? 4.276   -2.372  6.541   1.00 15.10 ? 7  DM2 A C10   1 
HETATM 134 O O10   . DM2 B 2 . ? 4.761   -1.844  5.306   1.00 18.99 ? 7  DM2 A O10   1 
HETATM 135 C C11   . DM2 B 2 . ? 4.298   -1.364  7.701   1.00 10.53 ? 7  DM2 A C11   1 
HETATM 136 C C12   . DM2 B 2 . ? 3.177   -0.347  7.600   1.00 11.48 ? 7  DM2 A C12   1 
HETATM 137 O O12   . DM2 B 2 . ? 3.089   0.425   6.402   1.00 28.08 ? 7  DM2 A O12   1 
HETATM 138 C C13   . DM2 B 2 . ? 3.666   0.594   8.695   1.00 25.57 ? 7  DM2 A C13   1 
HETATM 139 O O13   . DM2 B 2 . ? 3.637   0.193   9.817   1.00 27.28 ? 7  DM2 A O13   1 
HETATM 140 C C14   . DM2 B 2 . ? 3.955   2.045   8.425   1.00 32.75 ? 7  DM2 A C14   1 
HETATM 141 O O14   . DM2 B 2 . ? 4.992   2.390   9.302   1.00 50.33 ? 7  DM2 A O14   1 
HETATM 142 C C15   . DM2 B 2 . ? 1.918   -1.144  7.869   1.00 19.29 ? 7  DM2 A C15   1 
HETATM 143 C C16   . DM2 B 2 . ? 1.820   -2.393  7.001   1.00 6.56  ? 7  DM2 A C16   1 
HETATM 144 C C17   . DM2 B 2 . ? 0.540   -2.849  6.684   1.00 2.00  ? 7  DM2 A C17   1 
HETATM 145 O O17   . DM2 B 2 . ? -0.559  -2.314  7.265   1.00 7.98  ? 7  DM2 A O17   1 
HETATM 146 C C18   . DM2 B 2 . ? 0.375   -3.869  5.746   1.00 6.46  ? 7  DM2 A C18   1 
HETATM 147 C C19   . DM2 B 2 . ? -0.983  -4.299  5.490   1.00 2.00  ? 7  DM2 A C19   1 
HETATM 148 O O19   . DM2 B 2 . ? -1.938  -3.767  6.059   1.00 16.31 ? 7  DM2 A O19   1 
HETATM 149 C C20   . DM2 B 2 . ? -1.181  -5.347  4.526   1.00 5.78  ? 7  DM2 A C20   1 
HETATM 150 C C21   . DM2 B 2 . ? 0.376   -8.631  1.343   1.00 8.54  ? 7  DM2 A C21   1 
HETATM 151 C "C1'" . DM2 B 2 . ? 6.075   -1.856  4.967   1.00 17.51 ? 7  DM2 A "C1'" 1 
HETATM 152 C "C2'" . DM2 B 2 . ? 6.007   -1.178  3.644   1.00 39.12 ? 7  DM2 A "C2'" 1 
HETATM 153 C "C3'" . DM2 B 2 . ? 6.197   0.345   3.643   1.00 30.41 ? 7  DM2 A "C3'" 1 
HETATM 154 N "N3'" . DM2 B 2 . ? 6.785   0.697   2.316   1.00 46.08 ? 7  DM2 A "N3'" 1 
HETATM 155 C "C4'" . DM2 B 2 . ? 7.116   0.862   4.694   1.00 34.76 ? 7  DM2 A "C4'" 1 
HETATM 156 O "O4'" . DM2 B 2 . ? 8.392   0.416   4.330   1.00 43.52 ? 7  DM2 A "O4'" 1 
HETATM 157 C "C5'" . DM2 B 2 . ? 7.021   0.178   6.011   1.00 24.17 ? 7  DM2 A "C5'" 1 
HETATM 158 O "O5'" . DM2 B 2 . ? 6.981   -1.247  5.863   1.00 13.01 ? 7  DM2 A "O5'" 1 
HETATM 159 C "C6'" . DM2 B 2 . ? 8.335   0.394   6.845   1.00 20.93 ? 7  DM2 A "C6'" 1 
HETATM 160 O O     . HOH C 3 . ? 9.521   -2.897  0.913   1.00 32.08 ? 8  HOH A O     1 
HETATM 161 O O     . HOH C 3 . ? -5.074  17.042  -1.845  1.00 80.00 ? 9  HOH A O     1 
HETATM 162 O O     . HOH C 3 . ? 1.051   -10.119 4.810   1.00 28.48 ? 10 HOH A O     1 
HETATM 163 O O     . HOH C 3 . ? -3.192  -5.349  -0.584  1.00 26.48 ? 11 HOH A O     1 
HETATM 164 O O     . HOH C 3 . ? 2.251   -7.909  -2.101  1.00 22.33 ? 12 HOH A O     1 
HETATM 165 O O     . HOH C 3 . ? 6.539   -3.617  9.863   1.00 20.71 ? 13 HOH A O     1 
HETATM 166 O O     . HOH C 3 . ? -7.445  1.439   -0.769  1.00 45.35 ? 14 HOH A O     1 
HETATM 167 O O     . HOH C 3 . ? -2.589  14.832  -3.464  1.00 27.14 ? 15 HOH A O     1 
HETATM 168 O O     . HOH C 3 . ? -5.126  -2.638  -1.893  1.00 52.41 ? 16 HOH A O     1 
HETATM 169 O O     . HOH C 3 . ? -5.906  7.953   -10.198 1.00 72.88 ? 17 HOH A O     1 
HETATM 170 O O     . HOH C 3 . ? 9.762   -7.066  -1.506  1.00 38.97 ? 18 HOH A O     1 
HETATM 171 O O     . HOH C 3 . ? -8.316  7.254   -10.172 1.00 52.69 ? 19 HOH A O     1 
HETATM 172 O O     . HOH C 3 . ? 5.604   -1.062  0.634   1.00 36.06 ? 20 HOH A O     1 
HETATM 173 O O     . HOH C 3 . ? -4.281  8.367   1.203   1.00 52.28 ? 21 HOH A O     1 
HETATM 174 O O     . HOH C 3 . ? -8.370  -4.009  -6.128  1.00 45.10 ? 22 HOH A O     1 
HETATM 175 O O     . HOH C 3 . ? 7.021   4.510   9.594   1.00 26.02 ? 23 HOH A O     1 
HETATM 176 O O     . HOH C 3 . ? -11.035 1.561   -2.706  1.00 55.30 ? 24 HOH A O     1 
HETATM 177 O O     . HOH C 3 . ? -4.199  3.376   0.974   1.00 27.41 ? 25 HOH A O     1 
HETATM 178 O O     . HOH C 3 . ? -9.440  5.352   -2.438  1.00 50.92 ? 26 HOH A O     1 
HETATM 179 O O     . HOH C 3 . ? -11.462 2.598   -4.889  1.00 68.80 ? 27 HOH A O     1 
HETATM 180 O O     . HOH C 3 . ? 10.268  1.544   2.628   1.00 58.23 ? 28 HOH A O     1 
HETATM 181 O O     . HOH C 3 . ? 8.515   -12.364 2.275   1.00 67.02 ? 29 HOH A O     1 
HETATM 182 O O     . HOH C 3 . ? 6.445   2.678   0.021   1.00 54.50 ? 30 HOH A O     1 
HETATM 183 O O     . HOH C 3 . ? -4.324  -2.725  7.224   1.00 38.60 ? 31 HOH A O     1 
HETATM 184 O O     . HOH C 3 . ? -4.623  14.705  -1.106  1.00 43.56 ? 32 HOH A O     1 
HETATM 185 O O     . HOH C 3 . ? 5.058   -9.914  2.298   1.00 34.57 ? 33 HOH A O     1 
HETATM 186 O O     . HOH C 3 . ? 5.853   -9.927  -1.551  1.00 56.90 ? 34 HOH A O     1 
HETATM 187 O O     . HOH C 3 . ? -1.722  -4.779  -3.291  1.00 22.10 ? 35 HOH A O     1 
HETATM 188 O O     . HOH C 3 . ? -6.417  -3.848  -4.050  1.00 42.84 ? 36 HOH A O     1 
HETATM 189 O O     . HOH C 3 . ? 7.307   0.588   15.005  1.00 62.47 ? 37 HOH A O     1 
HETATM 190 O O     . HOH C 3 . ? -3.159  11.737  1.874   1.00 61.66 ? 38 HOH A O     1 
HETATM 191 O O     . HOH C 3 . ? 11.355  5.790   3.022   1.00 38.63 ? 39 HOH A O     1 
HETATM 192 O O     . HOH C 3 . ? -5.786  12.882  0.213   1.00 31.67 ? 40 HOH A O     1 
HETATM 193 O O     . HOH C 3 . ? -5.201  6.261   2.956   1.00 33.45 ? 41 HOH A O     1 
HETATM 194 O O     . HOH C 3 . ? 9.739   4.323   3.058   1.00 65.41 ? 42 HOH A O     1 
HETATM 195 O O     . HOH C 3 . ? 9.571   4.163   6.339   1.00 46.31 ? 43 HOH A O     1 
HETATM 196 O O     . HOH C 3 . ? 10.330  -1.040  13.898  1.00 69.10 ? 44 HOH A O     1 
HETATM 197 O O     . HOH C 3 . ? -6.897  13.417  3.204   1.00 84.02 ? 45 HOH A O     1 
HETATM 198 O O     . HOH C 3 . ? -6.496  8.254   -0.006  1.00 59.26 ? 46 HOH A O     1 
HETATM 199 O O     . HOH C 3 . ? -9.058  6.464   0.539   1.00 82.79 ? 47 HOH A O     1 
HETATM 200 O O     . HOH C 3 . ? -7.916  -2.730  -8.213  1.00 69.24 ? 48 HOH A O     1 
HETATM 201 O O     . HOH C 3 . ? -5.411  2.398   -0.651  1.00 44.61 ? 49 HOH A O     1 
HETATM 202 O O     . HOH C 3 . ? -5.956  4.747   1.821   1.00 50.95 ? 50 HOH A O     1 
# 
